data_9GCA
#
_entry.id   9GCA
#
_cell.length_a   91.410
_cell.length_b   75.590
_cell.length_c   37.800
_cell.angle_alpha   90.000
_cell.angle_beta   104.761
_cell.angle_gamma   90.000
#
_symmetry.space_group_name_H-M   'C 1 2 1'
#
loop_
_entity.id
_entity.type
_entity.pdbx_description
1 polymer '2-C-methyl-D-erythritol 4-phosphate cytidylyltransferase'
2 non-polymer 6-methyl-5~{H}-pyrrolo[3,4-b]pyridin-7-one
3 water water
#
_entity_poly.entity_id   1
_entity_poly.type   'polypeptide(L)'
_entity_poly.pdbx_seq_one_letter_code
;MGSSHHHHHHSSGLVPRGSHMTTSDLPAFWTVIPAAGVGSRMRADRPKQYLDLAGRTVIERTLDCFLEHPMLRGLVVCLA
EDDPYWPGLDCAASRHVQRAAGGAERAGSVLNGLLRLLELGAQADDWVLVHDAARPNLTRGDLDRLLEELAEDPVGGLLA
VPARDTLKRSDRDGRVSETIDRSVVWLAYTPQMFRLGALHRALADALVAGVAITDEASAMEWAGYAPKLVEGRADNLKIT
TPEDLLRLQRSFPHLE
;
_entity_poly.pdbx_strand_id   A
#
# COMPACT_ATOMS: atom_id res chain seq x y z
N ASP A 25 -11.77 6.65 -19.73
CA ASP A 25 -10.37 6.41 -20.08
C ASP A 25 -9.49 6.45 -18.84
N LEU A 26 -9.22 5.28 -18.27
CA LEU A 26 -8.42 5.20 -17.06
C LEU A 26 -6.96 5.51 -17.37
N PRO A 27 -6.26 6.17 -16.46
CA PRO A 27 -4.86 6.53 -16.72
C PRO A 27 -3.91 5.35 -16.54
N ALA A 28 -2.77 5.45 -17.21
CA ALA A 28 -1.70 4.48 -17.01
C ALA A 28 -1.03 4.73 -15.66
N PHE A 29 -0.56 3.65 -15.03
CA PHE A 29 -0.06 3.75 -13.67
C PHE A 29 0.98 2.67 -13.40
N TRP A 30 1.97 3.03 -12.59
CA TRP A 30 2.88 2.05 -12.02
C TRP A 30 2.38 1.65 -10.63
N THR A 31 2.85 0.50 -10.15
CA THR A 31 2.45 -0.02 -8.86
C THR A 31 3.69 -0.39 -8.06
N VAL A 32 3.72 0.02 -6.79
CA VAL A 32 4.77 -0.36 -5.86
C VAL A 32 4.12 -1.09 -4.70
N ILE A 33 4.63 -2.29 -4.41
CA ILE A 33 4.15 -3.08 -3.27
C ILE A 33 5.28 -3.17 -2.25
N PRO A 34 5.28 -2.34 -1.22
CA PRO A 34 6.32 -2.44 -0.18
C PRO A 34 6.10 -3.70 0.67
N ALA A 35 7.07 -4.60 0.62
CA ALA A 35 6.95 -5.89 1.31
C ALA A 35 8.28 -6.30 1.95
N ALA A 36 9.09 -5.34 2.35
CA ALA A 36 10.37 -5.62 2.98
C ALA A 36 10.16 -5.76 4.49
N GLY A 37 11.25 -5.63 5.27
CA GLY A 37 11.18 -5.87 6.69
C GLY A 37 11.15 -7.34 7.08
N VAL A 38 11.04 -8.25 6.11
CA VAL A 38 11.08 -9.67 6.41
C VAL A 38 12.51 -10.06 6.75
N GLY A 39 12.67 -10.79 7.86
CA GLY A 39 13.98 -11.27 8.23
C GLY A 39 14.49 -12.33 7.27
N SER A 40 15.76 -12.69 7.45
CA SER A 40 16.37 -13.73 6.63
C SER A 40 16.00 -15.13 7.08
N ARG A 41 15.38 -15.28 8.25
CA ARG A 41 15.15 -16.57 8.86
C ARG A 41 13.67 -16.93 8.81
N MET A 42 13.37 -18.11 8.30
N MET A 42 13.37 -18.11 8.30
CA MET A 42 12.01 -18.63 8.37
CA MET A 42 12.01 -18.61 8.36
C MET A 42 11.61 -18.84 9.82
C MET A 42 11.60 -18.86 9.81
N ARG A 43 10.37 -18.50 10.15
CA ARG A 43 9.87 -18.66 11.51
C ARG A 43 8.46 -19.22 11.47
N ALA A 44 8.08 -19.88 12.58
CA ALA A 44 6.76 -20.48 12.68
C ALA A 44 5.67 -19.42 12.64
N ASP A 45 5.94 -18.24 13.20
CA ASP A 45 5.06 -17.08 13.08
C ASP A 45 5.48 -16.34 11.81
N ARG A 46 5.01 -16.86 10.67
CA ARG A 46 5.43 -16.36 9.38
C ARG A 46 5.03 -14.88 9.23
N PRO A 47 5.78 -14.12 8.42
CA PRO A 47 5.33 -12.79 8.05
C PRO A 47 3.94 -12.86 7.43
N LYS A 48 3.08 -11.89 7.80
CA LYS A 48 1.67 -11.96 7.43
C LYS A 48 1.48 -12.05 5.92
N GLN A 49 2.40 -11.49 5.14
CA GLN A 49 2.29 -11.53 3.68
C GLN A 49 2.50 -12.93 3.12
N TYR A 50 3.03 -13.86 3.92
CA TYR A 50 3.31 -15.22 3.46
C TYR A 50 2.38 -16.24 4.08
N LEU A 51 1.32 -15.81 4.76
CA LEU A 51 0.33 -16.74 5.29
C LEU A 51 -0.56 -17.26 4.16
N ASP A 52 -1.18 -18.40 4.41
CA ASP A 52 -2.02 -19.06 3.41
C ASP A 52 -3.43 -18.49 3.47
N LEU A 53 -3.96 -18.13 2.30
CA LEU A 53 -5.31 -17.61 2.16
C LEU A 53 -6.00 -18.40 1.05
N ALA A 54 -6.63 -19.51 1.44
CA ALA A 54 -7.38 -20.37 0.51
C ALA A 54 -6.48 -20.92 -0.59
N GLY A 55 -5.35 -21.51 -0.19
CA GLY A 55 -4.47 -22.18 -1.13
C GLY A 55 -3.40 -21.31 -1.75
N ARG A 56 -3.30 -20.04 -1.37
CA ARG A 56 -2.26 -19.17 -1.90
C ARG A 56 -1.85 -18.16 -0.84
N THR A 57 -0.64 -17.64 -0.98
CA THR A 57 -0.13 -16.68 -0.01
C THR A 57 -0.85 -15.33 -0.16
N VAL A 58 -0.83 -14.56 0.92
CA VAL A 58 -1.51 -13.26 0.92
C VAL A 58 -0.95 -12.36 -0.17
N ILE A 59 0.38 -12.31 -0.30
CA ILE A 59 0.98 -11.37 -1.25
C ILE A 59 0.69 -11.79 -2.69
N GLU A 60 0.56 -13.09 -2.94
CA GLU A 60 0.18 -13.53 -4.29
C GLU A 60 -1.21 -13.04 -4.64
N ARG A 61 -2.17 -13.14 -3.71
CA ARG A 61 -3.51 -12.62 -3.96
C ARG A 61 -3.51 -11.10 -4.05
N THR A 62 -2.59 -10.43 -3.36
CA THR A 62 -2.49 -8.98 -3.47
C THR A 62 -2.01 -8.57 -4.86
N LEU A 63 -1.03 -9.30 -5.41
CA LEU A 63 -0.53 -8.99 -6.74
C LEU A 63 -1.59 -9.23 -7.81
N ASP A 64 -2.50 -10.19 -7.60
CA ASP A 64 -3.52 -10.48 -8.61
C ASP A 64 -4.46 -9.30 -8.82
N CYS A 65 -4.61 -8.45 -7.81
CA CYS A 65 -5.48 -7.28 -7.94
C CYS A 65 -4.94 -6.27 -8.95
N PHE A 66 -3.64 -6.34 -9.26
CA PHE A 66 -3.00 -5.36 -10.14
C PHE A 66 -2.49 -5.95 -11.44
N LEU A 67 -1.97 -7.19 -11.42
CA LEU A 67 -1.20 -7.71 -12.56
C LEU A 67 -2.03 -7.79 -13.83
N GLU A 68 -3.34 -7.96 -13.72
CA GLU A 68 -4.21 -8.14 -14.88
C GLU A 68 -4.78 -6.83 -15.42
N HIS A 69 -4.42 -5.68 -14.84
CA HIS A 69 -5.05 -4.44 -15.26
C HIS A 69 -4.42 -3.94 -16.55
N PRO A 70 -5.23 -3.57 -17.56
CA PRO A 70 -4.65 -3.16 -18.84
C PRO A 70 -3.83 -1.87 -18.77
N MET A 71 -4.12 -0.99 -17.81
CA MET A 71 -3.38 0.26 -17.68
C MET A 71 -2.14 0.14 -16.82
N LEU A 72 -1.75 -1.07 -16.44
CA LEU A 72 -0.56 -1.27 -15.60
C LEU A 72 0.70 -1.23 -16.46
N ARG A 73 1.60 -0.29 -16.15
CA ARG A 73 2.85 -0.19 -16.89
C ARG A 73 3.91 -1.13 -16.31
N GLY A 74 3.90 -1.32 -15.00
CA GLY A 74 4.85 -2.19 -14.33
C GLY A 74 4.63 -2.22 -12.84
N LEU A 75 4.87 -3.37 -12.22
CA LEU A 75 4.73 -3.56 -10.79
C LEU A 75 6.08 -3.91 -10.19
N VAL A 76 6.38 -3.29 -9.05
CA VAL A 76 7.65 -3.50 -8.36
C VAL A 76 7.35 -3.89 -6.92
N VAL A 77 7.89 -5.03 -6.50
CA VAL A 77 7.82 -5.45 -5.11
C VAL A 77 9.13 -5.11 -4.43
N CYS A 78 9.04 -4.48 -3.25
CA CYS A 78 10.21 -4.15 -2.46
C CYS A 78 10.43 -5.26 -1.44
N LEU A 79 11.60 -5.89 -1.48
CA LEU A 79 11.88 -7.06 -0.68
C LEU A 79 13.28 -6.98 -0.09
N ALA A 80 13.44 -7.57 1.08
CA ALA A 80 14.78 -7.80 1.63
C ALA A 80 15.53 -8.76 0.73
N GLU A 81 16.82 -8.52 0.56
CA GLU A 81 17.63 -9.33 -0.34
C GLU A 81 17.84 -10.75 0.17
N ASP A 82 17.48 -11.03 1.43
CA ASP A 82 17.62 -12.36 2.02
C ASP A 82 16.27 -12.98 2.37
N ASP A 83 15.18 -12.51 1.73
CA ASP A 83 13.83 -12.99 2.00
C ASP A 83 13.74 -14.48 1.66
N PRO A 84 13.55 -15.34 2.66
CA PRO A 84 13.57 -16.79 2.40
C PRO A 84 12.27 -17.35 1.83
N TYR A 85 11.18 -16.60 1.86
CA TYR A 85 9.90 -17.09 1.36
C TYR A 85 9.64 -16.74 -0.09
N TRP A 86 10.12 -15.58 -0.55
CA TRP A 86 9.82 -15.12 -1.91
C TRP A 86 10.31 -16.07 -2.99
N PRO A 87 11.56 -16.56 -2.98
CA PRO A 87 12.00 -17.44 -4.09
C PRO A 87 11.18 -18.71 -4.24
N GLY A 88 10.36 -19.07 -3.26
CA GLY A 88 9.48 -20.21 -3.40
C GLY A 88 8.19 -19.97 -4.15
N LEU A 89 7.82 -18.70 -4.35
CA LEU A 89 6.56 -18.35 -5.01
C LEU A 89 6.76 -18.24 -6.52
N ASP A 90 5.70 -18.55 -7.27
CA ASP A 90 5.79 -18.52 -8.73
C ASP A 90 5.92 -17.09 -9.26
N CYS A 91 5.53 -16.08 -8.48
N CYS A 91 5.51 -16.09 -8.49
CA CYS A 91 5.71 -14.70 -8.91
CA CYS A 91 5.69 -14.70 -8.89
C CYS A 91 7.17 -14.28 -8.89
C CYS A 91 7.17 -14.31 -8.93
N ALA A 92 8.04 -15.06 -8.25
CA ALA A 92 9.47 -14.77 -8.30
C ALA A 92 10.08 -15.15 -9.63
N ALA A 93 9.43 -16.01 -10.40
CA ALA A 93 9.83 -16.35 -11.76
C ALA A 93 8.89 -15.76 -12.80
N SER A 94 8.33 -14.58 -12.51
CA SER A 94 7.38 -13.93 -13.39
C SER A 94 7.98 -12.65 -13.96
N ARG A 95 7.95 -12.53 -15.29
CA ARG A 95 8.43 -11.31 -15.93
C ARG A 95 7.54 -10.11 -15.64
N HIS A 96 6.32 -10.34 -15.19
CA HIS A 96 5.38 -9.25 -14.91
C HIS A 96 5.61 -8.62 -13.54
N VAL A 97 6.59 -9.09 -12.77
CA VAL A 97 6.86 -8.60 -11.42
C VAL A 97 8.33 -8.26 -11.32
N GLN A 98 8.63 -6.99 -11.04
CA GLN A 98 9.99 -6.52 -10.82
C GLN A 98 10.26 -6.39 -9.32
N ARG A 99 11.54 -6.38 -8.98
CA ARG A 99 11.99 -6.45 -7.60
C ARG A 99 12.93 -5.28 -7.28
N ALA A 100 12.75 -4.68 -6.10
CA ALA A 100 13.61 -3.62 -5.62
C ALA A 100 14.11 -3.98 -4.23
N ALA A 101 15.26 -3.42 -3.87
CA ALA A 101 15.87 -3.72 -2.58
C ALA A 101 15.17 -2.95 -1.47
N GLY A 102 14.93 -3.63 -0.35
CA GLY A 102 14.29 -2.98 0.77
C GLY A 102 15.20 -2.01 1.49
N GLY A 103 14.59 -1.10 2.25
CA GLY A 103 15.29 -0.12 3.02
C GLY A 103 15.23 -0.41 4.52
N ALA A 104 15.64 0.60 5.29
CA ALA A 104 15.63 0.48 6.74
C ALA A 104 14.22 0.60 7.32
N GLU A 105 13.37 1.41 6.70
CA GLU A 105 11.97 1.54 7.09
C GLU A 105 11.11 1.37 5.85
N ARG A 106 9.79 1.35 6.06
CA ARG A 106 8.86 1.18 4.93
C ARG A 106 9.01 2.31 3.92
N ALA A 107 9.15 3.54 4.40
CA ALA A 107 9.30 4.69 3.49
C ALA A 107 10.53 4.55 2.63
N GLY A 108 11.64 4.10 3.21
CA GLY A 108 12.85 3.88 2.42
C GLY A 108 12.66 2.81 1.36
N SER A 109 11.94 1.74 1.70
CA SER A 109 11.66 0.70 0.71
C SER A 109 10.79 1.24 -0.42
N VAL A 110 9.79 2.05 -0.08
CA VAL A 110 8.98 2.72 -1.11
C VAL A 110 9.87 3.59 -1.99
N LEU A 111 10.83 4.28 -1.37
CA LEU A 111 11.75 5.13 -2.13
C LEU A 111 12.55 4.31 -3.14
N ASN A 112 13.09 3.17 -2.70
CA ASN A 112 13.84 2.31 -3.62
C ASN A 112 12.95 1.76 -4.72
N GLY A 113 11.65 1.56 -4.44
CA GLY A 113 10.73 1.16 -5.48
C GLY A 113 10.54 2.24 -6.53
N LEU A 114 10.53 3.51 -6.09
CA LEU A 114 10.44 4.62 -7.04
C LEU A 114 11.70 4.71 -7.90
N LEU A 115 12.87 4.47 -7.31
CA LEU A 115 14.10 4.42 -8.09
C LEU A 115 14.07 3.27 -9.08
N ARG A 116 13.55 2.12 -8.66
CA ARG A 116 13.45 0.96 -9.54
C ARG A 116 12.51 1.26 -10.72
N LEU A 117 11.44 2.01 -10.47
CA LEU A 117 10.54 2.39 -11.55
C LEU A 117 11.24 3.28 -12.57
N LEU A 118 12.09 4.20 -12.09
CA LEU A 118 12.82 5.07 -13.02
C LEU A 118 13.77 4.28 -13.90
N GLU A 119 14.27 3.14 -13.42
CA GLU A 119 15.12 2.29 -14.25
C GLU A 119 14.31 1.61 -15.35
N LEU A 120 13.04 1.32 -15.08
CA LEU A 120 12.18 0.66 -16.06
C LEU A 120 11.56 1.63 -17.05
N GLY A 121 11.96 2.89 -17.02
CA GLY A 121 11.45 3.87 -17.95
C GLY A 121 10.31 4.72 -17.47
N ALA A 122 10.14 4.86 -16.15
CA ALA A 122 9.07 5.70 -15.62
C ALA A 122 9.45 7.18 -15.71
N GLN A 123 8.42 8.02 -15.86
CA GLN A 123 8.60 9.46 -15.96
C GLN A 123 8.10 10.13 -14.69
N ALA A 124 8.55 11.37 -14.48
CA ALA A 124 8.26 12.08 -13.24
C ALA A 124 6.77 12.35 -13.07
N ASP A 125 6.03 12.44 -14.17
CA ASP A 125 4.61 12.75 -14.14
C ASP A 125 3.74 11.51 -14.23
N ASP A 126 4.33 10.32 -14.18
CA ASP A 126 3.57 9.09 -14.21
C ASP A 126 2.89 8.84 -12.87
N TRP A 127 1.68 8.28 -12.92
CA TRP A 127 0.98 7.92 -11.70
C TRP A 127 1.60 6.68 -11.07
N VAL A 128 1.75 6.71 -9.75
CA VAL A 128 2.28 5.58 -8.99
C VAL A 128 1.28 5.21 -7.92
N LEU A 129 1.01 3.91 -7.78
CA LEU A 129 0.14 3.38 -6.75
C LEU A 129 0.96 2.56 -5.75
N VAL A 130 0.83 2.89 -4.47
CA VAL A 130 1.47 2.14 -3.39
C VAL A 130 0.37 1.43 -2.61
N HIS A 131 0.55 0.14 -2.38
CA HIS A 131 -0.49 -0.70 -1.79
C HIS A 131 0.14 -1.67 -0.80
N ASP A 132 -0.57 -1.93 0.30
CA ASP A 132 -0.06 -2.83 1.34
C ASP A 132 0.01 -4.26 0.83
N ALA A 133 1.10 -4.95 1.20
CA ALA A 133 1.27 -6.34 0.81
C ALA A 133 0.24 -7.24 1.48
N ALA A 134 -0.29 -6.85 2.64
CA ALA A 134 -1.25 -7.66 3.38
C ALA A 134 -2.68 -7.17 3.20
N ARG A 135 -3.00 -6.56 2.06
CA ARG A 135 -4.37 -6.18 1.70
C ARG A 135 -4.74 -6.91 0.42
N PRO A 136 -5.12 -8.19 0.52
CA PRO A 136 -5.41 -8.97 -0.69
C PRO A 136 -6.84 -8.89 -1.21
N ASN A 137 -7.75 -8.24 -0.49
CA ASN A 137 -9.16 -8.18 -0.88
C ASN A 137 -9.49 -6.91 -1.67
N LEU A 138 -8.51 -6.33 -2.35
CA LEU A 138 -8.77 -5.16 -3.18
C LEU A 138 -9.55 -5.58 -4.43
N THR A 139 -10.74 -5.02 -4.60
CA THR A 139 -11.57 -5.35 -5.73
C THR A 139 -11.22 -4.49 -6.93
N ARG A 140 -11.61 -4.97 -8.13
CA ARG A 140 -11.38 -4.21 -9.35
C ARG A 140 -12.16 -2.90 -9.34
N GLY A 141 -13.32 -2.88 -8.68
CA GLY A 141 -14.10 -1.66 -8.63
C GLY A 141 -13.39 -0.54 -7.91
N ASP A 142 -12.91 -0.81 -6.69
CA ASP A 142 -12.18 0.20 -5.93
C ASP A 142 -10.96 0.70 -6.70
N LEU A 143 -10.24 -0.21 -7.35
CA LEU A 143 -9.04 0.18 -8.09
C LEU A 143 -9.37 1.16 -9.21
N ASP A 144 -10.37 0.84 -10.03
CA ASP A 144 -10.74 1.73 -11.12
C ASP A 144 -11.39 3.00 -10.61
N ARG A 145 -12.19 2.89 -9.54
CA ARG A 145 -12.80 4.07 -8.93
C ARG A 145 -11.73 5.03 -8.44
N LEU A 146 -10.66 4.50 -7.82
CA LEU A 146 -9.54 5.34 -7.43
C LEU A 146 -8.86 5.95 -8.66
N LEU A 147 -8.78 5.19 -9.74
CA LEU A 147 -8.06 5.65 -10.93
C LEU A 147 -8.86 6.71 -11.69
N GLU A 148 -10.17 6.53 -11.80
CA GLU A 148 -10.99 7.46 -12.57
C GLU A 148 -11.22 8.77 -11.84
N GLU A 149 -11.24 8.74 -10.50
CA GLU A 149 -11.56 9.92 -9.71
C GLU A 149 -10.34 10.81 -9.50
N LEU A 150 -9.13 10.27 -9.62
CA LEU A 150 -7.90 11.02 -9.41
C LEU A 150 -7.15 11.32 -10.70
N ALA A 151 -7.65 10.84 -11.84
CA ALA A 151 -6.91 10.96 -13.09
C ALA A 151 -6.57 12.41 -13.44
N GLU A 152 -7.44 13.35 -13.06
CA GLU A 152 -7.21 14.76 -13.31
C GLU A 152 -6.91 15.54 -12.04
N ASP A 153 -6.63 14.86 -10.94
CA ASP A 153 -6.39 15.57 -9.68
C ASP A 153 -5.01 16.20 -9.69
N PRO A 154 -4.85 17.39 -9.09
CA PRO A 154 -3.53 18.02 -9.10
C PRO A 154 -2.48 17.32 -8.25
N VAL A 155 -2.86 16.51 -7.25
CA VAL A 155 -1.87 15.89 -6.39
C VAL A 155 -2.05 14.38 -6.31
N GLY A 156 -3.31 13.92 -6.32
CA GLY A 156 -3.63 12.54 -6.10
C GLY A 156 -4.54 12.34 -4.90
N GLY A 157 -4.54 11.10 -4.43
CA GLY A 157 -5.36 10.75 -3.28
C GLY A 157 -5.15 9.32 -2.86
N LEU A 158 -6.15 8.80 -2.18
CA LEU A 158 -6.03 7.47 -1.57
C LEU A 158 -7.43 6.95 -1.30
N LEU A 159 -7.52 5.63 -1.17
CA LEU A 159 -8.77 4.99 -0.78
C LEU A 159 -8.97 5.12 0.73
N ALA A 160 -10.21 5.30 1.14
CA ALA A 160 -10.54 5.49 2.55
C ALA A 160 -11.99 5.10 2.78
N VAL A 161 -12.32 4.78 4.03
CA VAL A 161 -13.67 4.43 4.43
C VAL A 161 -14.07 5.28 5.63
N PRO A 162 -15.36 5.61 5.82
CA PRO A 162 -15.74 6.42 6.98
C PRO A 162 -15.64 5.62 8.27
N ALA A 163 -15.24 6.31 9.34
CA ALA A 163 -15.19 5.68 10.66
C ALA A 163 -16.59 5.37 11.15
N ARG A 164 -16.83 4.12 11.53
CA ARG A 164 -18.14 3.68 11.99
C ARG A 164 -18.20 3.38 13.48
N ASP A 165 -17.06 3.37 14.18
CA ASP A 165 -17.03 3.17 15.61
C ASP A 165 -17.00 4.53 16.32
N THR A 166 -17.56 4.55 17.52
CA THR A 166 -17.58 5.77 18.32
C THR A 166 -16.16 6.13 18.76
N LEU A 167 -15.73 7.34 18.43
CA LEU A 167 -14.39 7.82 18.73
C LEU A 167 -14.43 8.75 19.93
N LYS A 168 -13.52 8.53 20.87
CA LYS A 168 -13.43 9.33 22.09
C LYS A 168 -12.01 9.85 22.26
N ARG A 169 -11.88 11.14 22.55
CA ARG A 169 -10.58 11.74 22.81
C ARG A 169 -10.29 11.71 24.30
N SER A 170 -9.04 11.40 24.65
CA SER A 170 -8.63 11.26 26.04
C SER A 170 -7.84 12.48 26.48
N ASP A 171 -8.10 12.93 27.72
CA ASP A 171 -7.28 13.97 28.32
C ASP A 171 -6.02 13.32 28.91
N ARG A 172 -5.23 14.08 29.66
CA ARG A 172 -4.04 13.49 30.25
C ARG A 172 -4.34 12.63 31.47
N ASP A 173 -5.56 12.70 32.00
CA ASP A 173 -5.96 11.91 33.16
C ASP A 173 -6.70 10.63 32.76
N GLY A 174 -6.71 10.28 31.49
CA GLY A 174 -7.38 9.07 31.05
C GLY A 174 -8.90 9.15 31.04
N ARG A 175 -9.46 10.34 31.14
CA ARG A 175 -10.91 10.53 31.09
C ARG A 175 -11.29 11.12 29.74
N VAL A 176 -12.53 10.85 29.33
CA VAL A 176 -13.01 11.30 28.02
C VAL A 176 -13.14 12.82 28.04
N SER A 177 -12.41 13.48 27.13
CA SER A 177 -12.53 14.92 26.97
C SER A 177 -13.61 15.30 25.96
N GLU A 178 -13.83 14.49 24.94
CA GLU A 178 -14.88 14.73 23.96
C GLU A 178 -15.11 13.46 23.15
N THR A 179 -16.30 13.36 22.56
CA THR A 179 -16.60 12.37 21.55
C THR A 179 -16.36 13.01 20.18
N ILE A 180 -15.39 12.48 19.44
CA ILE A 180 -14.98 13.09 18.19
C ILE A 180 -16.08 12.93 17.15
N ASP A 181 -16.38 14.01 16.43
CA ASP A 181 -17.36 13.98 15.34
C ASP A 181 -16.80 13.12 14.21
N ARG A 182 -17.22 11.86 14.16
CA ARG A 182 -16.69 10.93 13.17
C ARG A 182 -17.28 11.13 11.78
N SER A 183 -18.17 12.11 11.60
CA SER A 183 -18.68 12.40 10.26
C SER A 183 -17.61 12.98 9.34
N VAL A 184 -16.52 13.48 9.91
CA VAL A 184 -15.40 14.00 9.13
C VAL A 184 -14.16 13.12 9.25
N VAL A 185 -14.26 11.98 9.92
CA VAL A 185 -13.11 11.10 10.16
C VAL A 185 -13.19 9.92 9.21
N TRP A 186 -12.09 9.66 8.51
CA TRP A 186 -11.99 8.55 7.57
C TRP A 186 -10.80 7.67 7.94
N LEU A 187 -10.96 6.36 7.81
CA LEU A 187 -9.85 5.45 7.98
C LEU A 187 -9.05 5.38 6.68
N ALA A 188 -7.74 5.56 6.79
CA ALA A 188 -6.88 5.55 5.61
C ALA A 188 -6.59 4.12 5.18
N TYR A 189 -6.94 3.80 3.93
CA TYR A 189 -6.66 2.52 3.31
C TYR A 189 -5.65 2.71 2.18
N THR A 190 -5.41 1.63 1.44
CA THR A 190 -4.59 1.64 0.24
C THR A 190 -5.39 1.00 -0.88
N PRO A 191 -5.01 1.24 -2.16
CA PRO A 191 -3.84 1.97 -2.68
C PRO A 191 -3.87 3.49 -2.44
N GLN A 192 -2.71 4.11 -2.55
CA GLN A 192 -2.57 5.55 -2.55
C GLN A 192 -1.90 5.96 -3.86
N MET A 193 -2.39 7.05 -4.45
CA MET A 193 -2.10 7.39 -5.84
C MET A 193 -1.49 8.80 -5.89
N PHE A 194 -0.21 8.88 -6.27
CA PHE A 194 0.49 10.15 -6.36
C PHE A 194 1.41 10.13 -7.58
N ARG A 195 1.79 11.33 -8.03
CA ARG A 195 2.74 11.47 -9.12
C ARG A 195 4.13 11.04 -8.67
N LEU A 196 4.85 10.39 -9.58
CA LEU A 196 6.15 9.80 -9.22
C LEU A 196 7.12 10.86 -8.73
N GLY A 197 7.23 11.98 -9.45
CA GLY A 197 8.19 13.00 -9.08
C GLY A 197 7.89 13.63 -7.74
N ALA A 198 6.63 14.04 -7.53
CA ALA A 198 6.24 14.70 -6.29
C ALA A 198 6.41 13.77 -5.09
N LEU A 199 5.95 12.53 -5.20
CA LEU A 199 6.11 11.58 -4.09
C LEU A 199 7.58 11.33 -3.80
N HIS A 200 8.40 11.22 -4.84
CA HIS A 200 9.83 11.01 -4.66
C HIS A 200 10.44 12.14 -3.83
N ARG A 201 10.10 13.39 -4.15
CA ARG A 201 10.65 14.52 -3.40
C ARG A 201 10.07 14.56 -1.99
N ALA A 202 8.77 14.32 -1.85
CA ALA A 202 8.14 14.38 -0.54
C ALA A 202 8.70 13.31 0.40
N LEU A 203 8.84 12.07 -0.09
CA LEU A 203 9.34 10.99 0.75
C LEU A 203 10.79 11.21 1.13
N ALA A 204 11.62 11.67 0.18
CA ALA A 204 13.04 11.83 0.47
C ALA A 204 13.28 13.00 1.43
N ASP A 205 12.57 14.11 1.23
CA ASP A 205 12.77 15.26 2.09
C ASP A 205 12.23 15.01 3.50
N ALA A 206 11.10 14.30 3.61
CA ALA A 206 10.53 14.02 4.92
C ALA A 206 11.41 13.07 5.73
N LEU A 207 12.09 12.14 5.05
CA LEU A 207 13.04 11.28 5.75
C LEU A 207 14.24 12.08 6.24
N VAL A 208 14.73 13.03 5.43
CA VAL A 208 15.81 13.89 5.86
C VAL A 208 15.36 14.76 7.03
N ALA A 209 14.12 15.27 6.97
CA ALA A 209 13.61 16.12 8.02
C ALA A 209 13.40 15.38 9.34
N GLY A 210 13.27 14.05 9.30
CA GLY A 210 12.96 13.29 10.49
C GLY A 210 11.49 13.15 10.78
N VAL A 211 10.64 13.20 9.76
CA VAL A 211 9.20 13.10 9.93
C VAL A 211 8.81 11.65 10.19
N ALA A 212 7.87 11.44 11.10
CA ALA A 212 7.33 10.11 11.39
C ALA A 212 6.33 9.76 10.29
N ILE A 213 6.87 9.31 9.16
CA ILE A 213 6.04 8.94 8.01
C ILE A 213 5.31 7.63 8.32
N THR A 214 3.99 7.62 8.10
CA THR A 214 3.24 6.38 8.18
C THR A 214 2.98 5.83 6.79
N ASP A 215 2.17 6.52 6.00
CA ASP A 215 1.87 6.16 4.62
C ASP A 215 2.38 7.26 3.68
N GLU A 216 2.14 7.05 2.38
CA GLU A 216 2.54 8.05 1.39
C GLU A 216 1.77 9.35 1.56
N ALA A 217 0.49 9.27 1.96
CA ALA A 217 -0.30 10.47 2.14
C ALA A 217 0.28 11.37 3.22
N SER A 218 0.84 10.77 4.27
CA SER A 218 1.44 11.56 5.35
C SER A 218 2.66 12.32 4.87
N ALA A 219 3.42 11.75 3.93
CA ALA A 219 4.57 12.48 3.38
C ALA A 219 4.09 13.61 2.47
N MET A 220 3.05 13.37 1.68
CA MET A 220 2.47 14.43 0.86
C MET A 220 1.86 15.52 1.74
N GLU A 221 1.24 15.13 2.85
CA GLU A 221 0.63 16.11 3.75
C GLU A 221 1.70 16.99 4.39
N TRP A 222 2.79 16.38 4.86
CA TRP A 222 3.89 17.17 5.40
C TRP A 222 4.48 18.12 4.36
N ALA A 223 4.49 17.71 3.10
CA ALA A 223 5.00 18.57 2.02
C ALA A 223 4.03 19.69 1.66
N GLY A 224 2.85 19.75 2.27
CA GLY A 224 1.90 20.82 2.07
C GLY A 224 0.67 20.44 1.27
N TYR A 225 0.71 19.33 0.53
CA TYR A 225 -0.39 18.97 -0.35
C TYR A 225 -1.51 18.30 0.43
N ALA A 226 -2.74 18.49 -0.05
CA ALA A 226 -3.93 17.90 0.56
C ALA A 226 -4.43 16.77 -0.33
N PRO A 227 -4.19 15.51 0.03
CA PRO A 227 -4.64 14.41 -0.82
C PRO A 227 -6.16 14.29 -0.84
N LYS A 228 -6.67 13.88 -1.99
CA LYS A 228 -8.11 13.64 -2.14
C LYS A 228 -8.50 12.33 -1.49
N LEU A 229 -9.68 12.29 -0.90
CA LEU A 229 -10.23 11.07 -0.33
C LEU A 229 -11.16 10.43 -1.35
N VAL A 230 -10.97 9.14 -1.59
CA VAL A 230 -11.80 8.36 -2.50
C VAL A 230 -12.39 7.21 -1.69
N GLU A 231 -13.71 7.17 -1.57
CA GLU A 231 -14.35 6.17 -0.75
C GLU A 231 -14.20 4.80 -1.37
N GLY A 232 -13.74 3.83 -0.58
CA GLY A 232 -13.61 2.46 -1.02
C GLY A 232 -14.45 1.52 -0.18
N ARG A 233 -14.27 0.22 -0.41
CA ARG A 233 -14.99 -0.79 0.37
C ARG A 233 -14.36 -0.98 1.73
N ALA A 234 -15.18 -1.37 2.70
CA ALA A 234 -14.70 -1.57 4.07
C ALA A 234 -14.00 -2.90 4.26
N ASP A 235 -14.28 -3.91 3.43
CA ASP A 235 -13.66 -5.21 3.57
C ASP A 235 -12.29 -5.29 2.88
N ASN A 236 -11.74 -4.16 2.43
CA ASN A 236 -10.37 -4.10 1.93
C ASN A 236 -9.39 -4.02 3.11
N LEU A 237 -9.48 -5.04 3.97
CA LEU A 237 -8.81 -5.02 5.26
C LEU A 237 -7.35 -5.44 5.15
N LYS A 238 -6.54 -4.95 6.08
CA LYS A 238 -5.15 -5.36 6.20
C LYS A 238 -5.05 -6.52 7.18
N ILE A 239 -4.25 -7.51 6.82
CA ILE A 239 -4.05 -8.70 7.66
C ILE A 239 -2.94 -8.36 8.65
N THR A 240 -3.32 -8.05 9.88
CA THR A 240 -2.38 -7.74 10.94
C THR A 240 -2.22 -8.88 11.95
N THR A 241 -3.29 -9.62 12.22
CA THR A 241 -3.23 -10.81 13.04
C THR A 241 -3.69 -12.02 12.23
N PRO A 242 -3.16 -13.21 12.51
CA PRO A 242 -3.68 -14.42 11.85
C PRO A 242 -5.17 -14.62 12.04
N GLU A 243 -5.78 -13.98 13.03
CA GLU A 243 -7.23 -14.05 13.18
C GLU A 243 -7.94 -13.25 12.10
N ASP A 244 -7.29 -12.21 11.55
CA ASP A 244 -7.89 -11.49 10.43
C ASP A 244 -7.97 -12.33 9.17
N LEU A 245 -7.16 -13.39 9.07
CA LEU A 245 -7.29 -14.30 7.93
C LEU A 245 -8.67 -14.92 7.89
N LEU A 246 -9.26 -15.21 9.06
CA LEU A 246 -10.55 -15.86 9.11
C LEU A 246 -11.64 -15.01 8.44
N ARG A 247 -11.50 -13.69 8.47
CA ARG A 247 -12.48 -12.82 7.82
C ARG A 247 -12.47 -13.00 6.32
N LEU A 248 -11.32 -13.34 5.73
CA LEU A 248 -11.17 -13.38 4.29
C LEU A 248 -11.18 -14.79 3.72
N GLN A 249 -11.36 -15.83 4.55
CA GLN A 249 -11.25 -17.19 4.06
C GLN A 249 -12.37 -17.53 3.09
N ARG A 250 -13.53 -16.88 3.21
CA ARG A 250 -14.65 -17.11 2.31
C ARG A 250 -14.74 -16.06 1.20
N SER A 251 -13.78 -15.14 1.13
CA SER A 251 -13.81 -14.04 0.18
C SER A 251 -13.25 -14.40 -1.19
N PHE A 252 -12.72 -15.61 -1.36
CA PHE A 252 -12.15 -16.05 -2.62
C PHE A 252 -12.78 -17.39 -2.99
N PRO A 253 -13.21 -17.58 -4.25
CA PRO A 253 -13.10 -16.63 -5.36
C PRO A 253 -14.10 -15.47 -5.31
#